data_5IHY
#
_entry.id   5IHY
#
_cell.length_a   47.487
_cell.length_b   53.087
_cell.length_c   83.388
_cell.angle_alpha   90.00
_cell.angle_beta   93.70
_cell.angle_gamma   90.00
#
_symmetry.space_group_name_H-M   'P 1 21 1'
#
loop_
_entity.id
_entity.type
_entity.pdbx_description
1 polymer 'Uncharacterized protein'
2 non-polymer 'NICKEL (II) ION'
3 water water
#
_entity_poly.entity_id   1
_entity_poly.type   'polypeptide(L)'
_entity_poly.pdbx_seq_one_letter_code
;GSAKDP(MSE)TELKQADQIRTWVQSVLTGESSGHDWLHISRVADLAVYIGEKENADLFIVETAALVHDLIDVKLPDTIR
LSVSEVYNQLVTFGIGKEDADRVIHIITK(MSE)SFRDREKLEGEPLSIEGKVVQDADRLDAIGAVGIARAF(MSE)FAG
AKGHGLYGDDQSAYAHFFHKLLRLID(MSE)(MSE)NTDTARELAEERHEF(MSE)LQYIRQLEKDIPGIDAKTS
;
_entity_poly.pdbx_strand_id   A,B
#
loop_
_chem_comp.id
_chem_comp.type
_chem_comp.name
_chem_comp.formula
NI non-polymer 'NICKEL (II) ION' 'Ni 2'
#
# COMPACT_ATOMS: atom_id res chain seq x y z
N MSE A 7 14.90 -35.30 -15.23
CA MSE A 7 14.77 -35.63 -13.78
C MSE A 7 13.30 -35.81 -13.38
O MSE A 7 12.43 -35.09 -13.88
CB MSE A 7 15.43 -34.55 -12.91
CG MSE A 7 15.78 -34.98 -11.49
SE MSE A 7 16.99 -36.54 -11.37
CE MSE A 7 17.40 -36.45 -9.45
N THR A 8 13.04 -36.76 -12.50
CA THR A 8 11.71 -37.01 -11.98
C THR A 8 11.26 -35.88 -11.04
N GLU A 9 12.21 -35.36 -10.27
CA GLU A 9 11.99 -34.23 -9.36
C GLU A 9 11.46 -32.99 -10.10
N LEU A 10 12.06 -32.70 -11.24
CA LEU A 10 11.66 -31.55 -12.07
C LEU A 10 10.23 -31.67 -12.58
N LYS A 11 9.84 -32.86 -13.02
CA LYS A 11 8.51 -33.10 -13.54
C LYS A 11 7.47 -33.01 -12.42
N GLN A 12 7.81 -33.58 -11.27
CA GLN A 12 6.93 -33.59 -10.11
C GLN A 12 6.67 -32.19 -9.56
N ALA A 13 7.70 -31.34 -9.59
CA ALA A 13 7.57 -29.96 -9.09
C ALA A 13 6.70 -29.13 -10.03
N ASP A 14 6.87 -29.35 -11.32
CA ASP A 14 6.05 -28.70 -12.34
C ASP A 14 4.58 -29.06 -12.18
N GLN A 15 4.34 -30.33 -11.80
CA GLN A 15 3.01 -30.86 -11.60
C GLN A 15 2.32 -30.18 -10.41
N ILE A 16 3.09 -29.98 -9.34
CA ILE A 16 2.62 -29.31 -8.13
C ILE A 16 2.30 -27.85 -8.41
N ARG A 17 3.21 -27.16 -9.09
CA ARG A 17 3.03 -25.74 -9.44
C ARG A 17 1.73 -25.46 -10.18
N THR A 18 1.42 -26.30 -11.17
CA THR A 18 0.23 -26.14 -12.00
C THR A 18 -1.03 -26.38 -11.18
N TRP A 19 -0.98 -27.32 -10.26
CA TRP A 19 -2.12 -27.61 -9.40
C TRP A 19 -2.41 -26.47 -8.43
N VAL A 20 -1.38 -26.01 -7.73
CA VAL A 20 -1.52 -24.89 -6.80
C VAL A 20 -2.07 -23.64 -7.47
N GLN A 21 -1.48 -23.26 -8.61
CA GLN A 21 -1.95 -22.11 -9.39
C GLN A 21 -3.42 -22.28 -9.81
N SER A 22 -3.80 -23.51 -10.14
CA SER A 22 -5.18 -23.83 -10.49
C SER A 22 -6.14 -23.69 -9.30
N VAL A 23 -5.67 -24.05 -8.11
CA VAL A 23 -6.50 -24.01 -6.90
C VAL A 23 -6.83 -22.57 -6.51
N LEU A 24 -5.86 -21.69 -6.70
CA LEU A 24 -5.99 -20.29 -6.30
C LEU A 24 -6.64 -19.42 -7.37
N THR A 25 -7.75 -19.89 -7.93
CA THR A 25 -8.53 -19.10 -8.90
C THR A 25 -10.02 -19.44 -8.87
N ASP A 32 -2.41 -14.98 -2.75
CA ASP A 32 -2.51 -15.25 -4.19
C ASP A 32 -1.26 -15.94 -4.74
N TRP A 33 -1.37 -16.45 -5.97
CA TRP A 33 -0.31 -17.23 -6.61
C TRP A 33 1.07 -16.55 -6.66
N LEU A 34 1.10 -15.27 -7.03
CA LEU A 34 2.35 -14.51 -7.20
C LEU A 34 3.23 -14.54 -5.95
N HIS A 35 2.60 -14.31 -4.80
CA HIS A 35 3.24 -14.39 -3.48
C HIS A 35 3.88 -15.76 -3.21
N ILE A 36 3.11 -16.81 -3.46
CA ILE A 36 3.58 -18.18 -3.24
C ILE A 36 4.72 -18.54 -4.18
N SER A 37 4.69 -18.00 -5.38
CA SER A 37 5.74 -18.28 -6.36
C SER A 37 7.09 -17.67 -5.95
N ARG A 38 7.06 -16.41 -5.51
CA ARG A 38 8.26 -15.73 -4.98
C ARG A 38 8.86 -16.48 -3.79
N VAL A 39 8.00 -16.94 -2.89
CA VAL A 39 8.44 -17.56 -1.64
C VAL A 39 9.10 -18.92 -1.90
N ALA A 40 8.53 -19.68 -2.83
CA ALA A 40 9.13 -20.91 -3.31
C ALA A 40 10.54 -20.70 -3.90
N ASP A 41 10.71 -19.72 -4.79
CA ASP A 41 12.02 -19.43 -5.37
C ASP A 41 13.06 -19.03 -4.31
N LEU A 42 12.63 -18.19 -3.37
CA LEU A 42 13.49 -17.70 -2.30
C LEU A 42 13.88 -18.82 -1.32
N ALA A 43 12.92 -19.71 -1.04
CA ALA A 43 13.18 -20.89 -0.20
C ALA A 43 14.20 -21.85 -0.81
N VAL A 44 14.11 -22.08 -2.12
CA VAL A 44 15.06 -22.94 -2.82
C VAL A 44 16.46 -22.32 -2.73
N TYR A 45 16.54 -21.01 -2.96
CA TYR A 45 17.80 -20.28 -2.81
C TYR A 45 18.41 -20.45 -1.41
N ILE A 46 17.62 -20.20 -0.35
CA ILE A 46 18.11 -20.35 1.02
C ILE A 46 18.50 -21.80 1.34
N GLY A 47 17.66 -22.75 0.92
CA GLY A 47 17.92 -24.16 1.13
C GLY A 47 19.23 -24.64 0.52
N GLU A 48 19.55 -24.14 -0.67
CA GLU A 48 20.79 -24.49 -1.36
C GLU A 48 22.01 -24.04 -0.56
N LYS A 49 21.91 -22.86 0.05
CA LYS A 49 22.98 -22.30 0.86
C LYS A 49 23.14 -23.04 2.19
N GLU A 50 22.03 -23.57 2.70
CA GLU A 50 21.97 -24.20 4.02
C GLU A 50 22.18 -25.72 4.00
N ASN A 51 22.27 -26.29 2.80
CA ASN A 51 22.34 -27.75 2.60
C ASN A 51 21.09 -28.52 3.08
N ALA A 52 19.91 -27.94 2.83
CA ALA A 52 18.64 -28.61 3.12
C ALA A 52 18.13 -29.38 1.90
N ASP A 53 17.18 -30.30 2.11
CA ASP A 53 16.55 -31.06 1.02
C ASP A 53 15.68 -30.14 0.17
N LEU A 54 16.14 -29.86 -1.05
CA LEU A 54 15.55 -28.83 -1.91
C LEU A 54 14.18 -29.18 -2.44
N PHE A 55 13.98 -30.46 -2.77
CA PHE A 55 12.68 -30.93 -3.22
C PHE A 55 11.63 -30.78 -2.12
N ILE A 56 11.96 -31.18 -0.89
CA ILE A 56 11.08 -30.96 0.24
C ILE A 56 10.83 -29.45 0.50
N VAL A 57 11.88 -28.64 0.36
CA VAL A 57 11.74 -27.20 0.60
C VAL A 57 10.79 -26.57 -0.40
N GLU A 58 11.01 -26.81 -1.69
CA GLU A 58 10.14 -26.32 -2.75
C GLU A 58 8.68 -26.76 -2.61
N THR A 59 8.46 -28.03 -2.33
CA THR A 59 7.11 -28.59 -2.21
C THR A 59 6.34 -28.03 -1.01
N ALA A 60 6.98 -28.02 0.16
CA ALA A 60 6.40 -27.40 1.35
C ALA A 60 6.08 -25.92 1.11
N ALA A 61 6.98 -25.23 0.41
CA ALA A 61 6.79 -23.81 0.09
C ALA A 61 5.56 -23.56 -0.76
N LEU A 62 5.32 -24.46 -1.73
CA LEU A 62 4.19 -24.33 -2.65
C LEU A 62 2.81 -24.68 -2.04
N VAL A 63 2.77 -25.61 -1.09
CA VAL A 63 1.47 -26.07 -0.60
C VAL A 63 1.01 -25.52 0.75
N HIS A 64 1.88 -24.85 1.50
CA HIS A 64 1.57 -24.51 2.90
C HIS A 64 0.45 -23.49 3.11
N ASP A 65 0.23 -22.62 2.13
CA ASP A 65 -0.86 -21.66 2.19
C ASP A 65 -2.21 -22.33 1.94
N LEU A 66 -2.22 -23.44 1.21
CA LEU A 66 -3.46 -24.08 0.78
C LEU A 66 -4.37 -24.44 1.97
N ILE A 67 -3.75 -24.65 3.13
CA ILE A 67 -4.45 -25.01 4.37
C ILE A 67 -4.58 -23.83 5.35
N ASP A 68 -3.99 -22.69 5.00
CA ASP A 68 -4.01 -21.52 5.89
C ASP A 68 -5.40 -20.90 5.92
N VAL A 69 -5.84 -20.54 7.13
CA VAL A 69 -7.19 -20.06 7.39
C VAL A 69 -7.52 -18.74 6.69
N LYS A 70 -6.48 -18.00 6.30
CA LYS A 70 -6.60 -16.78 5.51
C LYS A 70 -7.49 -17.00 4.28
N LEU A 71 -7.08 -17.94 3.42
CA LEU A 71 -7.84 -18.33 2.23
C LEU A 71 -9.33 -18.55 2.49
N PRO A 72 -10.18 -18.17 1.53
CA PRO A 72 -11.62 -18.38 1.65
C PRO A 72 -11.99 -19.87 1.60
N ASP A 73 -13.14 -20.21 2.16
CA ASP A 73 -13.60 -21.59 2.28
C ASP A 73 -13.87 -22.25 0.93
N THR A 74 -14.13 -21.41 -0.08
CA THR A 74 -14.38 -21.87 -1.45
C THR A 74 -13.11 -22.42 -2.12
N ILE A 75 -11.97 -22.27 -1.46
CA ILE A 75 -10.65 -22.61 -2.01
C ILE A 75 -9.77 -23.44 -1.05
N ARG A 76 -9.92 -23.22 0.25
CA ARG A 76 -9.05 -23.81 1.28
C ARG A 76 -9.21 -25.33 1.40
N LEU A 77 -8.07 -26.03 1.53
CA LEU A 77 -8.06 -27.49 1.58
C LEU A 77 -7.73 -28.01 2.98
N SER A 78 -8.18 -29.23 3.28
CA SER A 78 -7.77 -29.93 4.49
C SER A 78 -6.40 -30.59 4.29
N VAL A 79 -5.83 -31.11 5.37
CA VAL A 79 -4.49 -31.70 5.32
C VAL A 79 -4.45 -32.98 4.46
N SER A 80 -5.43 -33.86 4.67
CA SER A 80 -5.55 -35.09 3.90
C SER A 80 -5.75 -34.82 2.40
N GLU A 81 -6.49 -33.77 2.06
CA GLU A 81 -6.68 -33.38 0.66
C GLU A 81 -5.35 -33.04 -0.01
N VAL A 82 -4.51 -32.31 0.71
CA VAL A 82 -3.17 -31.97 0.23
C VAL A 82 -2.30 -33.23 0.14
N TYR A 83 -2.41 -34.10 1.14
CA TYR A 83 -1.69 -35.36 1.18
C TYR A 83 -2.06 -36.27 -0.01
N ASN A 84 -3.35 -36.50 -0.19
CA ASN A 84 -3.85 -37.37 -1.27
C ASN A 84 -3.37 -36.95 -2.66
N GLN A 85 -3.35 -35.64 -2.91
CA GLN A 85 -2.90 -35.11 -4.19
C GLN A 85 -1.41 -35.34 -4.44
N LEU A 86 -0.60 -35.15 -3.40
CA LEU A 86 0.85 -35.38 -3.47
C LEU A 86 1.18 -36.83 -3.80
N VAL A 87 0.47 -37.76 -3.17
CA VAL A 87 0.67 -39.19 -3.40
C VAL A 87 0.20 -39.61 -4.80
N THR A 88 -0.93 -39.05 -5.23
CA THR A 88 -1.46 -39.27 -6.58
C THR A 88 -0.47 -38.80 -7.65
N PHE A 89 0.24 -37.70 -7.37
CA PHE A 89 1.21 -37.13 -8.29
C PHE A 89 2.56 -37.87 -8.32
N GLY A 90 2.69 -38.91 -7.49
CA GLY A 90 3.87 -39.79 -7.53
C GLY A 90 4.95 -39.56 -6.47
N ILE A 91 4.71 -38.59 -5.59
CA ILE A 91 5.63 -38.33 -4.50
C ILE A 91 5.52 -39.47 -3.48
N GLY A 92 6.66 -40.00 -3.03
CA GLY A 92 6.67 -41.09 -2.07
C GLY A 92 6.00 -40.70 -0.75
N LYS A 93 5.53 -41.70 -0.02
CA LYS A 93 4.86 -41.50 1.28
C LYS A 93 5.79 -40.92 2.34
N GLU A 94 7.08 -41.25 2.27
CA GLU A 94 8.05 -40.70 3.21
C GLU A 94 8.20 -39.19 3.02
N ASP A 95 8.34 -38.77 1.76
CA ASP A 95 8.39 -37.35 1.41
C ASP A 95 7.07 -36.62 1.70
N ALA A 96 5.95 -37.29 1.42
CA ALA A 96 4.62 -36.72 1.67
C ALA A 96 4.40 -36.46 3.16
N ASP A 97 4.79 -37.42 3.99
CA ASP A 97 4.73 -37.27 5.44
C ASP A 97 5.57 -36.08 5.92
N ARG A 98 6.81 -35.94 5.42
CA ARG A 98 7.67 -34.83 5.85
CA ARG A 98 7.69 -34.83 5.82
C ARG A 98 7.06 -33.47 5.50
N VAL A 99 6.51 -33.35 4.30
CA VAL A 99 5.84 -32.12 3.85
C VAL A 99 4.63 -31.81 4.76
N ILE A 100 3.78 -32.80 4.98
CA ILE A 100 2.62 -32.66 5.84
C ILE A 100 3.02 -32.20 7.25
N HIS A 101 4.05 -32.86 7.80
CA HIS A 101 4.58 -32.51 9.11
CA HIS A 101 4.63 -32.52 9.10
C HIS A 101 5.08 -31.06 9.16
N ILE A 102 5.69 -30.58 8.08
CA ILE A 102 6.11 -29.17 8.02
C ILE A 102 4.91 -28.22 8.02
N ILE A 103 3.95 -28.45 7.12
CA ILE A 103 2.88 -27.47 6.89
C ILE A 103 1.86 -27.38 8.02
N THR A 104 1.77 -28.42 8.84
CA THR A 104 0.92 -28.42 10.02
C THR A 104 1.60 -27.72 11.21
N LYS A 105 2.91 -27.95 11.36
CA LYS A 105 3.69 -27.24 12.38
C LYS A 105 3.61 -25.73 12.16
N MSE A 106 3.71 -25.30 10.91
CA MSE A 106 3.66 -23.87 10.55
C MSE A 106 2.29 -23.22 10.76
O MSE A 106 2.18 -21.99 10.84
CB MSE A 106 4.10 -23.67 9.10
CG MSE A 106 5.57 -23.96 8.83
SE MSE A 106 6.03 -23.58 6.96
CE MSE A 106 5.76 -21.65 7.01
N SER A 107 1.25 -24.04 10.88
CA SER A 107 -0.13 -23.56 10.89
C SER A 107 -0.78 -23.69 12.26
N PRO A 118 10.28 -28.87 17.73
CA PRO A 118 9.76 -27.74 16.96
C PRO A 118 9.74 -28.02 15.46
N LEU A 119 10.47 -27.19 14.70
CA LEU A 119 10.41 -27.18 13.24
C LEU A 119 11.72 -27.73 12.64
N SER A 120 11.59 -28.48 11.55
CA SER A 120 12.73 -29.07 10.85
C SER A 120 13.55 -28.04 10.07
N ILE A 121 14.76 -28.42 9.68
CA ILE A 121 15.60 -27.58 8.82
C ILE A 121 14.82 -27.06 7.59
N GLU A 122 14.08 -27.95 6.92
CA GLU A 122 13.26 -27.59 5.76
C GLU A 122 12.15 -26.60 6.09
N GLY A 123 11.53 -26.77 7.26
CA GLY A 123 10.46 -25.87 7.72
C GLY A 123 10.98 -24.51 8.17
N LYS A 124 12.19 -24.51 8.73
CA LYS A 124 12.88 -23.28 9.12
C LYS A 124 13.19 -22.41 7.91
N VAL A 125 13.57 -23.07 6.82
CA VAL A 125 13.88 -22.41 5.56
C VAL A 125 12.63 -21.77 4.95
N VAL A 126 11.51 -22.48 5.00
CA VAL A 126 10.23 -22.01 4.43
C VAL A 126 9.67 -20.84 5.24
N GLN A 127 9.69 -20.96 6.57
CA GLN A 127 9.28 -19.88 7.45
C GLN A 127 10.10 -18.63 7.18
N ASP A 128 11.43 -18.78 7.09
CA ASP A 128 12.34 -17.66 6.75
C ASP A 128 11.98 -16.97 5.44
N ALA A 129 11.61 -17.76 4.43
CA ALA A 129 11.18 -17.20 3.14
C ALA A 129 9.85 -16.45 3.24
N ASP A 130 8.93 -16.97 4.05
CA ASP A 130 7.67 -16.27 4.35
C ASP A 130 7.90 -14.90 4.98
N ARG A 131 8.76 -14.85 6.01
CA ARG A 131 9.05 -13.61 6.73
C ARG A 131 9.71 -12.57 5.83
N LEU A 132 10.57 -13.02 4.93
CA LEU A 132 11.29 -12.13 4.04
C LEU A 132 10.36 -11.44 3.06
N ASP A 133 9.31 -12.14 2.62
CA ASP A 133 8.29 -11.55 1.74
C ASP A 133 7.41 -10.53 2.49
N ALA A 134 7.60 -10.43 3.80
CA ALA A 134 6.83 -9.49 4.63
C ALA A 134 7.65 -8.25 5.03
N ILE A 135 8.93 -8.24 4.67
CA ILE A 135 9.78 -7.07 4.92
C ILE A 135 10.38 -6.51 3.62
N GLY A 136 11.10 -5.41 3.71
CA GLY A 136 11.60 -4.71 2.51
C GLY A 136 10.50 -4.04 1.69
N ALA A 137 10.83 -3.75 0.43
CA ALA A 137 9.90 -3.07 -0.48
C ALA A 137 8.61 -3.84 -0.67
N VAL A 138 8.73 -5.14 -0.91
CA VAL A 138 7.55 -5.99 -1.13
C VAL A 138 6.67 -6.08 0.13
N GLY A 139 7.32 -6.10 1.29
CA GLY A 139 6.62 -6.13 2.59
C GLY A 139 5.86 -4.85 2.92
N ILE A 140 6.40 -3.71 2.49
CA ILE A 140 5.70 -2.43 2.58
C ILE A 140 4.44 -2.48 1.70
N ALA A 141 4.60 -2.93 0.45
CA ALA A 141 3.46 -3.04 -0.48
C ALA A 141 2.34 -3.88 0.11
N ARG A 142 2.68 -5.08 0.57
CA ARG A 142 1.73 -6.06 1.08
C ARG A 142 0.96 -5.60 2.32
N ALA A 143 1.65 -4.89 3.22
CA ALA A 143 1.01 -4.35 4.43
C ALA A 143 -0.05 -3.29 4.11
N PHE A 144 0.20 -2.46 3.09
CA PHE A 144 -0.76 -1.41 2.74
C PHE A 144 -1.95 -1.96 1.97
N MSE A 145 -1.71 -2.97 1.14
CA MSE A 145 -2.78 -3.67 0.43
C MSE A 145 -3.76 -4.30 1.43
O MSE A 145 -4.98 -4.13 1.31
CB MSE A 145 -2.23 -4.73 -0.52
CG MSE A 145 -1.33 -4.15 -1.62
SE MSE A 145 -0.91 -5.40 -3.06
CE MSE A 145 -2.72 -5.73 -3.71
N PHE A 146 -3.21 -5.00 2.41
CA PHE A 146 -4.01 -5.60 3.49
C PHE A 146 -4.85 -4.56 4.23
N ALA A 147 -4.26 -3.41 4.54
CA ALA A 147 -4.96 -2.32 5.23
C ALA A 147 -6.16 -1.81 4.43
N GLY A 148 -5.98 -1.63 3.13
CA GLY A 148 -7.07 -1.21 2.25
C GLY A 148 -8.16 -2.26 2.13
N ALA A 149 -7.76 -3.53 2.17
CA ALA A 149 -8.70 -4.65 2.07
C ALA A 149 -9.61 -4.80 3.29
N LYS A 150 -9.08 -4.46 4.46
CA LYS A 150 -9.81 -4.64 5.72
C LYS A 150 -10.38 -3.36 6.28
N GLY A 151 -10.25 -2.27 5.53
CA GLY A 151 -10.79 -0.97 5.94
C GLY A 151 -9.95 -0.23 6.96
N HIS A 152 -8.70 -0.63 7.15
CA HIS A 152 -7.81 0.02 8.11
C HIS A 152 -7.16 1.27 7.52
N GLY A 153 -6.77 2.21 8.39
CA GLY A 153 -6.15 3.47 7.98
C GLY A 153 -4.66 3.34 7.66
N LEU A 154 -4.08 4.42 7.17
CA LEU A 154 -2.64 4.46 6.89
C LEU A 154 -1.91 4.54 8.23
N TYR A 155 -2.45 5.38 9.12
CA TYR A 155 -1.99 5.55 10.50
C TYR A 155 -3.19 5.98 11.37
N GLY A 156 -2.99 6.04 12.68
CA GLY A 156 -4.00 6.60 13.57
C GLY A 156 -4.46 5.73 14.73
N ASP A 157 -4.35 4.42 14.57
CA ASP A 157 -4.73 3.46 15.62
C ASP A 157 -3.97 2.15 15.52
N ASP A 158 -4.25 1.23 16.44
CA ASP A 158 -3.53 -0.03 16.55
C ASP A 158 -3.84 -1.04 15.43
N GLN A 159 -4.80 -0.71 14.56
CA GLN A 159 -5.16 -1.55 13.43
C GLN A 159 -4.56 -1.04 12.10
N SER A 160 -4.00 0.17 12.12
CA SER A 160 -3.46 0.81 10.93
C SER A 160 -2.14 0.21 10.44
N ALA A 161 -1.85 0.41 9.15
CA ALA A 161 -0.64 -0.13 8.54
C ALA A 161 0.64 0.33 9.26
N TYR A 162 0.67 1.59 9.67
CA TYR A 162 1.81 2.15 10.37
C TYR A 162 2.10 1.45 11.71
N ALA A 163 1.06 1.21 12.50
CA ALA A 163 1.21 0.49 13.76
C ALA A 163 1.76 -0.92 13.51
N HIS A 164 1.25 -1.56 12.46
CA HIS A 164 1.67 -2.92 12.11
C HIS A 164 3.17 -3.03 11.84
N PHE A 165 3.79 -1.95 11.36
CA PHE A 165 5.24 -1.90 11.21
C PHE A 165 5.94 -2.03 12.57
N PHE A 166 5.54 -1.18 13.51
CA PHE A 166 6.18 -1.11 14.83
C PHE A 166 5.88 -2.30 15.72
N HIS A 167 4.68 -2.85 15.60
CA HIS A 167 4.27 -3.99 16.42
C HIS A 167 4.82 -5.31 15.88
N LYS A 168 4.79 -5.50 14.57
CA LYS A 168 5.16 -6.79 13.97
C LYS A 168 6.36 -6.76 13.02
N LEU A 169 6.23 -6.06 11.90
CA LEU A 169 7.13 -6.24 10.76
C LEU A 169 8.59 -5.86 11.01
N LEU A 170 8.82 -4.90 11.90
CA LEU A 170 10.19 -4.50 12.24
C LEU A 170 10.86 -5.43 13.25
N ARG A 171 10.09 -6.38 13.79
CA ARG A 171 10.63 -7.40 14.70
C ARG A 171 11.10 -8.66 13.96
N LEU A 172 10.65 -8.83 12.73
CA LEU A 172 10.84 -10.09 12.00
C LEU A 172 12.29 -10.54 11.84
N ILE A 173 13.21 -9.58 11.69
CA ILE A 173 14.63 -9.87 11.53
C ILE A 173 15.28 -10.56 12.74
N ASP A 174 14.66 -10.43 13.92
CA ASP A 174 15.10 -11.14 15.14
C ASP A 174 14.56 -12.57 15.19
N MSE A 175 13.67 -12.90 14.25
CA MSE A 175 12.97 -14.20 14.26
C MSE A 175 13.43 -15.12 13.11
O MSE A 175 12.86 -16.20 12.94
CB MSE A 175 11.46 -13.97 14.21
CG MSE A 175 10.84 -13.49 15.52
SE MSE A 175 9.21 -12.44 15.22
CE MSE A 175 7.98 -13.87 14.69
N MSE A 176 14.43 -14.70 12.36
CA MSE A 176 15.01 -15.52 11.28
C MSE A 176 15.72 -16.74 11.84
O MSE A 176 16.43 -16.65 12.84
CB MSE A 176 15.97 -14.69 10.43
CG MSE A 176 15.33 -13.51 9.72
SE MSE A 176 14.01 -14.04 8.39
CE MSE A 176 13.23 -12.28 8.10
N ASN A 177 15.52 -17.89 11.20
CA ASN A 177 16.10 -19.13 11.69
C ASN A 177 17.53 -19.35 11.21
N THR A 178 17.78 -19.05 9.94
CA THR A 178 19.06 -19.38 9.32
C THR A 178 19.92 -18.15 9.11
N ASP A 179 21.21 -18.39 8.95
CA ASP A 179 22.20 -17.35 8.73
C ASP A 179 22.08 -16.72 7.36
N THR A 180 21.73 -17.55 6.38
CA THR A 180 21.48 -17.11 5.01
C THR A 180 20.33 -16.10 4.97
N ALA A 181 19.21 -16.45 5.59
CA ALA A 181 18.05 -15.57 5.61
C ALA A 181 18.36 -14.28 6.37
N ARG A 182 19.04 -14.42 7.51
CA ARG A 182 19.44 -13.27 8.32
C ARG A 182 20.23 -12.23 7.51
N GLU A 183 21.25 -12.70 6.78
CA GLU A 183 22.06 -11.84 5.89
C GLU A 183 21.19 -11.16 4.83
N LEU A 184 20.27 -11.92 4.23
CA LEU A 184 19.29 -11.37 3.27
C LEU A 184 18.30 -10.40 3.90
N ALA A 185 17.98 -10.61 5.16
CA ALA A 185 17.05 -9.74 5.89
C ALA A 185 17.65 -8.37 6.20
N GLU A 186 18.99 -8.31 6.34
CA GLU A 186 19.67 -7.08 6.72
C GLU A 186 19.32 -5.93 5.79
N GLU A 187 19.49 -6.15 4.49
CA GLU A 187 19.27 -5.10 3.51
C GLU A 187 17.80 -4.72 3.37
N ARG A 188 16.91 -5.70 3.56
CA ARG A 188 15.46 -5.47 3.46
C ARG A 188 14.95 -4.69 4.65
N HIS A 189 15.44 -5.05 5.83
CA HIS A 189 15.08 -4.39 7.07
C HIS A 189 15.50 -2.91 7.08
N GLU A 190 16.68 -2.63 6.54
CA GLU A 190 17.21 -1.27 6.51
C GLU A 190 16.43 -0.39 5.55
N PHE A 191 16.05 -0.94 4.40
CA PHE A 191 15.22 -0.21 3.45
C PHE A 191 13.87 0.15 4.08
N MSE A 192 13.30 -0.79 4.83
CA MSE A 192 12.07 -0.55 5.58
C MSE A 192 12.22 0.61 6.57
O MSE A 192 11.33 1.46 6.68
CB MSE A 192 11.62 -1.86 6.26
CG MSE A 192 10.17 -1.88 6.70
SE MSE A 192 9.46 -3.68 6.99
CE MSE A 192 10.78 -4.36 8.23
N LEU A 193 13.34 0.66 7.28
CA LEU A 193 13.62 1.75 8.22
C LEU A 193 13.76 3.11 7.54
N GLN A 194 14.28 3.09 6.31
CA GLN A 194 14.37 4.28 5.47
C GLN A 194 13.00 4.73 4.98
N TYR A 195 12.09 3.78 4.82
CA TYR A 195 10.73 4.09 4.42
C TYR A 195 9.95 4.77 5.56
N ILE A 196 10.08 4.23 6.78
CA ILE A 196 9.49 4.84 7.97
C ILE A 196 10.02 6.27 8.15
N ARG A 197 11.34 6.41 8.02
CA ARG A 197 12.00 7.71 8.09
C ARG A 197 11.40 8.71 7.09
N GLN A 198 11.17 8.24 5.86
CA GLN A 198 10.60 9.08 4.81
C GLN A 198 9.17 9.51 5.14
N LEU A 199 8.38 8.60 5.72
CA LEU A 199 7.02 8.93 6.13
C LEU A 199 6.99 9.96 7.26
N GLU A 200 7.89 9.80 8.23
CA GLU A 200 7.97 10.74 9.35
C GLU A 200 8.32 12.15 8.88
N LYS A 201 9.10 12.23 7.80
CA LYS A 201 9.49 13.49 7.18
C LYS A 201 8.32 14.15 6.44
N ASP A 202 7.62 13.35 5.64
CA ASP A 202 6.47 13.80 4.84
C ASP A 202 5.19 14.00 5.63
N ILE A 203 5.05 13.34 6.77
CA ILE A 203 3.88 13.50 7.64
C ILE A 203 4.32 13.87 9.04
N PRO A 204 4.63 15.16 9.26
CA PRO A 204 5.01 15.59 10.60
C PRO A 204 3.95 15.19 11.63
N GLY A 205 4.41 14.62 12.74
CA GLY A 205 3.54 14.20 13.83
C GLY A 205 2.83 12.88 13.62
N ILE A 206 3.29 12.09 12.64
CA ILE A 206 2.67 10.81 12.28
C ILE A 206 2.57 9.82 13.45
N ASP A 207 3.51 9.89 14.38
CA ASP A 207 3.60 8.94 15.48
C ASP A 207 2.53 9.15 16.56
N ALA A 208 2.13 10.40 16.77
CA ALA A 208 1.15 10.72 17.82
C ALA A 208 -0.26 11.02 17.26
N LYS A 209 -0.46 10.82 15.97
CA LYS A 209 -1.75 11.17 15.34
C LYS A 209 -2.88 10.20 15.62
N THR A 210 -4.06 10.77 15.87
CA THR A 210 -5.28 10.02 16.18
C THR A 210 -6.25 10.00 15.00
N THR B 8 -12.20 35.69 14.57
CA THR B 8 -13.43 35.23 13.86
C THR B 8 -13.10 34.12 12.85
N GLU B 9 -11.97 34.28 12.16
CA GLU B 9 -11.53 33.30 11.15
C GLU B 9 -11.00 31.99 11.75
N LEU B 10 -10.47 32.08 12.98
CA LEU B 10 -10.02 30.90 13.71
C LEU B 10 -11.19 30.07 14.23
N LYS B 11 -12.30 30.76 14.53
CA LYS B 11 -13.55 30.09 14.93
C LYS B 11 -14.21 29.37 13.74
N GLN B 12 -14.34 30.08 12.61
CA GLN B 12 -14.94 29.54 11.39
C GLN B 12 -14.19 28.31 10.87
N ALA B 13 -12.87 28.44 10.75
CA ALA B 13 -12.00 27.31 10.34
C ALA B 13 -12.20 26.10 11.24
N ASP B 14 -12.37 26.33 12.54
CA ASP B 14 -12.64 25.26 13.50
C ASP B 14 -14.02 24.64 13.30
N GLN B 15 -15.02 25.48 12.99
CA GLN B 15 -16.37 25.01 12.67
C GLN B 15 -16.38 24.12 11.42
N ILE B 16 -15.63 24.54 10.41
CA ILE B 16 -15.54 23.78 9.15
C ILE B 16 -14.76 22.49 9.33
N ARG B 17 -13.70 22.53 10.14
CA ARG B 17 -12.88 21.34 10.42
C ARG B 17 -13.69 20.24 11.11
N THR B 18 -14.44 20.65 12.14
CA THR B 18 -15.38 19.76 12.85
C THR B 18 -16.40 19.15 11.89
N TRP B 19 -17.07 20.01 11.13
CA TRP B 19 -18.14 19.61 10.21
C TRP B 19 -17.69 18.57 9.17
N VAL B 20 -16.50 18.78 8.61
CA VAL B 20 -15.91 17.88 7.61
C VAL B 20 -15.40 16.56 8.24
N GLN B 21 -14.90 16.64 9.47
CA GLN B 21 -14.40 15.45 10.19
C GLN B 21 -15.51 14.47 10.53
N SER B 22 -16.67 15.00 10.93
CA SER B 22 -17.84 14.20 11.27
C SER B 22 -18.44 13.48 10.06
N VAL B 23 -18.17 14.00 8.87
CA VAL B 23 -18.66 13.44 7.61
C VAL B 23 -17.73 12.33 7.10
N LEU B 24 -16.43 12.47 7.40
CA LEU B 24 -15.43 11.47 7.01
C LEU B 24 -14.65 10.96 8.24
N ASP B 32 -10.99 10.36 2.59
CA ASP B 32 -10.95 10.13 4.03
C ASP B 32 -10.31 11.32 4.77
N TRP B 33 -10.68 11.49 6.03
CA TRP B 33 -10.28 12.64 6.82
C TRP B 33 -8.77 12.84 6.90
N LEU B 34 -8.03 11.77 7.17
CA LEU B 34 -6.57 11.83 7.29
C LEU B 34 -5.90 12.46 6.07
N HIS B 35 -6.37 12.05 4.89
CA HIS B 35 -5.89 12.58 3.61
C HIS B 35 -6.16 14.08 3.49
N ILE B 36 -7.39 14.50 3.77
CA ILE B 36 -7.82 15.90 3.66
C ILE B 36 -7.14 16.83 4.69
N SER B 37 -7.02 16.36 5.92
CA SER B 37 -6.28 17.09 6.96
C SER B 37 -4.84 17.36 6.51
N ARG B 38 -4.19 16.33 5.98
CA ARG B 38 -2.82 16.38 5.51
C ARG B 38 -2.68 17.33 4.32
N VAL B 39 -3.64 17.28 3.40
CA VAL B 39 -3.66 18.16 2.22
C VAL B 39 -3.91 19.62 2.62
N ALA B 40 -4.82 19.83 3.57
CA ALA B 40 -5.10 21.17 4.11
C ALA B 40 -3.83 21.84 4.67
N ASP B 41 -3.07 21.09 5.47
CA ASP B 41 -1.82 21.58 6.07
C ASP B 41 -0.73 21.86 5.03
N LEU B 42 -0.68 21.04 3.98
CA LEU B 42 0.33 21.21 2.94
C LEU B 42 -0.01 22.38 2.00
N ALA B 43 -1.30 22.62 1.80
CA ALA B 43 -1.78 23.73 0.97
C ALA B 43 -1.52 25.09 1.62
N VAL B 44 -1.65 25.15 2.94
CA VAL B 44 -1.42 26.37 3.70
C VAL B 44 0.07 26.74 3.68
N TYR B 45 0.93 25.72 3.82
CA TYR B 45 2.37 25.88 3.65
C TYR B 45 2.75 26.43 2.26
N ILE B 46 2.26 25.78 1.20
CA ILE B 46 2.54 26.26 -0.17
C ILE B 46 1.94 27.65 -0.42
N GLY B 47 0.72 27.89 0.08
CA GLY B 47 0.05 29.18 -0.10
C GLY B 47 0.80 30.33 0.54
N GLU B 48 1.50 30.02 1.64
CA GLU B 48 2.34 30.99 2.32
C GLU B 48 3.50 31.43 1.40
N LYS B 49 4.21 30.47 0.82
CA LYS B 49 5.32 30.75 -0.09
C LYS B 49 4.85 31.38 -1.41
N GLU B 50 3.60 31.10 -1.77
CA GLU B 50 3.03 31.53 -3.06
C GLU B 50 2.15 32.79 -2.98
N ASN B 51 2.07 33.39 -1.80
CA ASN B 51 1.28 34.61 -1.57
C ASN B 51 -0.23 34.47 -1.85
N ALA B 52 -0.76 33.28 -1.61
CA ALA B 52 -2.19 33.01 -1.79
C ALA B 52 -2.97 33.48 -0.57
N ASP B 53 -4.28 33.68 -0.75
CA ASP B 53 -5.16 33.91 0.39
C ASP B 53 -5.28 32.61 1.19
N LEU B 54 -4.87 32.65 2.44
CA LEU B 54 -4.71 31.45 3.27
C LEU B 54 -6.02 30.85 3.79
N PHE B 55 -6.97 31.72 4.14
CA PHE B 55 -8.30 31.29 4.57
C PHE B 55 -9.05 30.59 3.43
N ILE B 56 -9.03 31.22 2.26
CA ILE B 56 -9.56 30.60 1.04
C ILE B 56 -8.93 29.21 0.80
N VAL B 57 -7.60 29.15 0.85
CA VAL B 57 -6.85 27.91 0.58
C VAL B 57 -7.23 26.78 1.54
N GLU B 58 -7.25 27.06 2.84
CA GLU B 58 -7.61 26.06 3.85
C GLU B 58 -9.07 25.58 3.75
N THR B 59 -10.02 26.50 3.64
CA THR B 59 -11.45 26.17 3.53
C THR B 59 -11.75 25.27 2.33
N ALA B 60 -11.27 25.67 1.15
CA ALA B 60 -11.49 24.92 -0.08
C ALA B 60 -10.83 23.54 -0.04
N ALA B 61 -9.63 23.46 0.57
CA ALA B 61 -8.95 22.19 0.75
C ALA B 61 -9.76 21.24 1.64
N LEU B 62 -10.41 21.80 2.66
CA LEU B 62 -11.23 21.02 3.57
C LEU B 62 -12.54 20.49 2.97
N VAL B 63 -13.08 21.17 1.95
CA VAL B 63 -14.43 20.85 1.43
C VAL B 63 -14.51 20.38 -0.02
N HIS B 64 -13.39 20.41 -0.75
CA HIS B 64 -13.41 20.08 -2.19
C HIS B 64 -13.82 18.65 -2.51
N ASP B 65 -13.51 17.72 -1.62
CA ASP B 65 -13.88 16.32 -1.79
C ASP B 65 -15.34 16.01 -1.49
N LEU B 66 -16.03 16.92 -0.81
CA LEU B 66 -17.40 16.70 -0.38
C LEU B 66 -18.36 16.53 -1.55
N ILE B 67 -17.99 17.08 -2.70
CA ILE B 67 -18.84 17.03 -3.89
C ILE B 67 -18.42 15.96 -4.90
N ASP B 68 -17.28 15.32 -4.64
CA ASP B 68 -16.66 14.41 -5.61
C ASP B 68 -17.57 13.26 -6.02
N VAL B 69 -17.59 12.99 -7.32
CA VAL B 69 -18.45 11.95 -7.92
C VAL B 69 -18.11 10.53 -7.47
N LYS B 70 -16.83 10.29 -7.16
CA LYS B 70 -16.39 8.98 -6.66
C LYS B 70 -16.84 8.74 -5.21
N LEU B 71 -18.03 9.25 -4.88
CA LEU B 71 -18.60 9.10 -3.53
C LEU B 71 -20.01 8.53 -3.61
N PRO B 72 -20.38 7.69 -2.62
CA PRO B 72 -21.74 7.15 -2.56
C PRO B 72 -22.77 8.26 -2.26
N ASP B 73 -23.98 8.09 -2.79
CA ASP B 73 -25.03 9.10 -2.69
C ASP B 73 -25.45 9.46 -1.26
N THR B 74 -25.03 8.62 -0.31
CA THR B 74 -25.39 8.79 1.11
C THR B 74 -24.58 9.88 1.81
N ILE B 75 -23.39 10.17 1.28
CA ILE B 75 -22.45 11.09 1.90
C ILE B 75 -22.20 12.34 1.04
N ARG B 76 -22.30 12.16 -0.28
CA ARG B 76 -22.01 13.19 -1.27
C ARG B 76 -22.95 14.39 -1.20
N LEU B 77 -22.39 15.54 -0.86
CA LEU B 77 -23.12 16.81 -0.84
C LEU B 77 -23.04 17.50 -2.21
N SER B 78 -24.05 18.31 -2.52
CA SER B 78 -24.04 19.12 -3.74
C SER B 78 -23.26 20.42 -3.53
N VAL B 79 -23.03 21.14 -4.63
CA VAL B 79 -22.33 22.43 -4.60
C VAL B 79 -23.14 23.49 -3.82
N SER B 80 -24.45 23.46 -4.01
CA SER B 80 -25.35 24.38 -3.31
C SER B 80 -25.36 24.10 -1.80
N GLU B 81 -25.33 22.83 -1.43
CA GLU B 81 -25.38 22.40 -0.03
C GLU B 81 -24.15 22.85 0.76
N VAL B 82 -22.98 22.75 0.12
CA VAL B 82 -21.71 23.21 0.70
C VAL B 82 -21.72 24.74 0.82
N TYR B 83 -22.18 25.41 -0.24
CA TYR B 83 -22.24 26.88 -0.29
C TYR B 83 -23.06 27.43 0.87
N ASN B 84 -24.29 26.94 0.99
CA ASN B 84 -25.22 27.35 2.05
C ASN B 84 -24.69 27.09 3.45
N GLN B 85 -23.91 26.01 3.61
CA GLN B 85 -23.30 25.67 4.89
C GLN B 85 -22.23 26.69 5.31
N LEU B 86 -21.43 27.14 4.34
CA LEU B 86 -20.44 28.21 4.58
C LEU B 86 -21.12 29.52 5.01
N VAL B 87 -22.19 29.88 4.31
CA VAL B 87 -22.96 31.10 4.59
C VAL B 87 -23.58 31.06 6.01
N THR B 88 -24.02 29.87 6.41
CA THR B 88 -24.60 29.63 7.72
C THR B 88 -23.53 29.67 8.82
N PHE B 89 -22.29 29.32 8.47
CA PHE B 89 -21.16 29.46 9.39
C PHE B 89 -20.75 30.92 9.57
N GLY B 90 -21.23 31.78 8.67
CA GLY B 90 -21.03 33.22 8.80
C GLY B 90 -20.07 33.83 7.79
N ILE B 91 -19.46 32.98 6.97
CA ILE B 91 -18.45 33.39 5.99
C ILE B 91 -19.03 34.34 4.95
N GLY B 92 -18.25 35.36 4.58
CA GLY B 92 -18.70 36.43 3.68
C GLY B 92 -18.88 36.00 2.24
N LYS B 93 -19.54 36.86 1.45
CA LYS B 93 -19.91 36.57 0.06
C LYS B 93 -18.72 36.38 -0.88
N GLU B 94 -17.75 37.28 -0.80
CA GLU B 94 -16.53 37.19 -1.61
C GLU B 94 -15.79 35.87 -1.37
N ASP B 95 -15.63 35.52 -0.10
CA ASP B 95 -14.95 34.28 0.30
C ASP B 95 -15.71 33.03 -0.15
N ALA B 96 -17.02 33.00 0.07
CA ALA B 96 -17.84 31.85 -0.30
C ALA B 96 -17.73 31.55 -1.80
N ASP B 97 -18.01 32.56 -2.62
CA ASP B 97 -17.90 32.45 -4.07
C ASP B 97 -16.55 31.89 -4.49
N ARG B 98 -15.46 32.48 -4.00
CA ARG B 98 -14.10 32.05 -4.38
C ARG B 98 -13.79 30.60 -4.02
N VAL B 99 -14.32 30.14 -2.89
CA VAL B 99 -14.19 28.74 -2.48
C VAL B 99 -14.96 27.83 -3.46
N ILE B 100 -16.16 28.25 -3.83
CA ILE B 100 -16.98 27.53 -4.82
C ILE B 100 -16.30 27.44 -6.19
N HIS B 101 -15.72 28.55 -6.66
CA HIS B 101 -14.93 28.55 -7.89
C HIS B 101 -13.83 27.48 -7.88
N ILE B 102 -13.13 27.37 -6.75
CA ILE B 102 -12.03 26.41 -6.64
C ILE B 102 -12.54 24.97 -6.71
N ILE B 103 -13.58 24.66 -5.95
CA ILE B 103 -14.06 23.29 -5.85
C ILE B 103 -14.78 22.79 -7.12
N THR B 104 -15.37 23.71 -7.88
CA THR B 104 -16.01 23.36 -9.16
C THR B 104 -15.00 23.19 -10.30
N LYS B 105 -13.96 24.01 -10.27
CA LYS B 105 -12.91 23.96 -11.30
C LYS B 105 -12.00 22.75 -11.15
N MSE B 106 -11.97 22.18 -9.94
CA MSE B 106 -11.19 20.97 -9.66
C MSE B 106 -11.95 19.69 -10.00
O MSE B 106 -11.33 18.65 -10.25
CB MSE B 106 -10.73 20.94 -8.19
CG MSE B 106 -9.62 21.93 -7.84
SE MSE B 106 -9.00 21.86 -5.96
CE MSE B 106 -8.23 20.06 -6.00
N SER B 107 -13.28 19.77 -10.04
CA SER B 107 -14.12 18.56 -10.07
C SER B 107 -15.04 18.37 -11.30
N PHE B 108 -14.67 18.88 -12.47
CA PHE B 108 -15.43 18.53 -13.67
C PHE B 108 -14.70 17.42 -14.44
N ARG B 109 -15.44 16.67 -15.24
CA ARG B 109 -14.87 15.53 -15.97
C ARG B 109 -13.75 15.95 -16.93
N ASP B 110 -12.62 15.25 -16.82
CA ASP B 110 -11.41 15.47 -17.64
C ASP B 110 -10.75 16.84 -17.47
N ARG B 111 -10.90 17.42 -16.29
CA ARG B 111 -10.23 18.68 -15.93
C ARG B 111 -8.77 18.73 -16.38
N GLU B 112 -8.09 17.58 -16.28
CA GLU B 112 -6.67 17.42 -16.63
C GLU B 112 -6.29 17.88 -18.05
N LYS B 113 -7.27 17.90 -18.95
CA LYS B 113 -7.06 18.45 -20.30
C LYS B 113 -6.71 19.94 -20.29
N LEU B 114 -7.17 20.66 -19.27
CA LEU B 114 -6.92 22.11 -19.18
C LEU B 114 -5.76 22.48 -18.24
N GLU B 115 -5.14 21.44 -17.64
CA GLU B 115 -3.87 21.58 -16.89
C GLU B 115 -3.90 22.64 -15.78
N GLY B 116 -4.98 22.66 -15.00
CA GLY B 116 -5.14 23.61 -13.90
C GLY B 116 -5.02 25.09 -14.27
N GLU B 117 -5.14 25.38 -15.56
CA GLU B 117 -4.99 26.75 -16.08
C GLU B 117 -6.15 27.69 -15.70
N PRO B 118 -7.39 27.16 -15.61
CA PRO B 118 -8.48 28.04 -15.15
C PRO B 118 -8.50 28.34 -13.64
N LEU B 119 -7.67 27.64 -12.87
CA LEU B 119 -7.60 27.85 -11.42
C LEU B 119 -6.93 29.17 -11.05
N SER B 120 -7.45 29.84 -10.02
CA SER B 120 -6.76 30.98 -9.42
C SER B 120 -5.52 30.49 -8.65
N ILE B 121 -4.72 31.43 -8.15
CA ILE B 121 -3.52 31.06 -7.38
C ILE B 121 -3.88 30.15 -6.20
N GLU B 122 -5.00 30.44 -5.55
CA GLU B 122 -5.53 29.62 -4.45
C GLU B 122 -5.89 28.20 -4.89
N GLY B 123 -6.53 28.08 -6.06
CA GLY B 123 -6.87 26.78 -6.62
C GLY B 123 -5.64 25.97 -6.97
N LYS B 124 -4.70 26.63 -7.65
CA LYS B 124 -3.44 26.02 -8.05
C LYS B 124 -2.73 25.40 -6.85
N VAL B 125 -2.71 26.12 -5.75
CA VAL B 125 -2.04 25.68 -4.54
C VAL B 125 -2.72 24.44 -3.96
N VAL B 126 -4.06 24.45 -3.95
CA VAL B 126 -4.83 23.31 -3.44
C VAL B 126 -4.65 22.08 -4.33
N GLN B 127 -4.61 22.29 -5.65
CA GLN B 127 -4.37 21.19 -6.60
C GLN B 127 -2.97 20.56 -6.42
N ASP B 128 -1.96 21.41 -6.19
CA ASP B 128 -0.57 20.96 -5.96
C ASP B 128 -0.38 20.13 -4.69
N ALA B 129 -1.00 20.56 -3.60
CA ALA B 129 -0.95 19.80 -2.35
C ALA B 129 -1.55 18.41 -2.60
N ASP B 130 -2.67 18.38 -3.31
CA ASP B 130 -3.35 17.14 -3.69
C ASP B 130 -2.45 16.16 -4.46
N ARG B 131 -1.72 16.69 -5.44
CA ARG B 131 -0.81 15.87 -6.22
C ARG B 131 0.43 15.43 -5.45
N LEU B 132 0.90 16.30 -4.55
CA LEU B 132 2.03 15.96 -3.68
C LEU B 132 1.70 14.81 -2.74
N ASP B 133 0.43 14.75 -2.28
CA ASP B 133 -0.02 13.67 -1.39
C ASP B 133 -0.11 12.33 -2.10
N ALA B 134 -0.05 12.34 -3.43
CA ALA B 134 -0.10 11.13 -4.22
C ALA B 134 1.28 10.61 -4.63
N ILE B 135 2.34 11.28 -4.21
CA ILE B 135 3.71 10.82 -4.55
C ILE B 135 4.59 10.64 -3.31
N GLY B 136 5.83 10.18 -3.52
CA GLY B 136 6.75 9.88 -2.42
C GLY B 136 6.32 8.67 -1.61
N ALA B 137 6.77 8.60 -0.36
CA ALA B 137 6.39 7.52 0.55
C ALA B 137 4.87 7.47 0.83
N VAL B 138 4.23 8.65 0.93
CA VAL B 138 2.79 8.69 1.20
CA VAL B 138 2.78 8.74 1.18
C VAL B 138 1.97 8.23 -0.01
N GLY B 139 2.43 8.59 -1.22
CA GLY B 139 1.78 8.16 -2.45
C GLY B 139 1.90 6.67 -2.70
N ILE B 140 3.08 6.11 -2.40
CA ILE B 140 3.30 4.67 -2.48
C ILE B 140 2.29 3.96 -1.59
N ALA B 141 2.18 4.43 -0.35
CA ALA B 141 1.23 3.85 0.61
C ALA B 141 -0.21 3.89 0.11
N ARG B 142 -0.63 5.04 -0.42
CA ARG B 142 -2.04 5.22 -0.82
C ARG B 142 -2.40 4.36 -2.04
N ALA B 143 -1.48 4.31 -3.00
CA ALA B 143 -1.65 3.50 -4.20
C ALA B 143 -1.84 2.02 -3.91
N PHE B 144 -1.12 1.49 -2.93
CA PHE B 144 -1.25 0.07 -2.53
C PHE B 144 -2.51 -0.21 -1.69
N MSE B 145 -2.88 0.75 -0.85
CA MSE B 145 -4.14 0.66 -0.10
C MSE B 145 -5.33 0.64 -1.04
O MSE B 145 -6.27 -0.15 -0.85
CB MSE B 145 -4.27 1.83 0.88
CG MSE B 145 -3.41 1.69 2.09
SE MSE B 145 -3.69 3.16 3.33
CE MSE B 145 -5.41 2.65 4.06
N PHE B 146 -5.30 1.50 -2.06
CA PHE B 146 -6.35 1.56 -3.07
C PHE B 146 -6.50 0.23 -3.81
N ALA B 147 -5.36 -0.34 -4.23
CA ALA B 147 -5.34 -1.64 -4.90
C ALA B 147 -5.95 -2.73 -4.03
N GLY B 148 -5.61 -2.70 -2.74
CA GLY B 148 -6.18 -3.63 -1.77
C GLY B 148 -7.67 -3.46 -1.56
N ALA B 149 -8.14 -2.21 -1.61
CA ALA B 149 -9.55 -1.87 -1.43
C ALA B 149 -10.39 -2.24 -2.67
N LYS B 150 -9.77 -2.14 -3.85
CA LYS B 150 -10.45 -2.42 -5.10
C LYS B 150 -10.17 -3.83 -5.62
N GLY B 151 -9.35 -4.58 -4.89
CA GLY B 151 -9.08 -5.97 -5.23
C GLY B 151 -8.13 -6.14 -6.41
N HIS B 152 -7.29 -5.13 -6.65
CA HIS B 152 -6.29 -5.18 -7.72
C HIS B 152 -4.98 -5.79 -7.21
N GLY B 153 -4.09 -6.14 -8.15
CA GLY B 153 -2.85 -6.83 -7.82
C GLY B 153 -1.69 -5.91 -7.47
N LEU B 154 -0.62 -6.47 -6.94
CA LEU B 154 0.59 -5.71 -6.68
C LEU B 154 1.24 -5.35 -8.02
N TYR B 155 1.41 -6.35 -8.89
CA TYR B 155 2.03 -6.20 -10.19
C TYR B 155 1.48 -7.22 -11.17
N GLY B 156 1.91 -7.12 -12.43
CA GLY B 156 1.63 -8.12 -13.48
C GLY B 156 0.31 -7.94 -14.20
N ASP B 157 -0.13 -6.70 -14.32
CA ASP B 157 -1.53 -6.38 -14.62
C ASP B 157 -1.64 -4.89 -14.89
N ASP B 158 -2.58 -4.49 -15.74
CA ASP B 158 -2.74 -3.08 -16.09
C ASP B 158 -3.54 -2.28 -15.04
N GLN B 159 -4.21 -2.97 -14.14
CA GLN B 159 -4.91 -2.31 -13.02
C GLN B 159 -4.06 -2.32 -11.74
N SER B 160 -2.95 -3.06 -11.78
CA SER B 160 -2.07 -3.21 -10.62
C SER B 160 -1.48 -1.89 -10.15
N ALA B 161 -1.07 -1.85 -8.87
CA ALA B 161 -0.42 -0.66 -8.31
C ALA B 161 0.91 -0.35 -8.98
N TYR B 162 1.64 -1.40 -9.38
CA TYR B 162 2.94 -1.23 -10.01
C TYR B 162 2.82 -0.46 -11.33
N ALA B 163 1.88 -0.88 -12.17
CA ALA B 163 1.59 -0.24 -13.46
C ALA B 163 1.06 1.19 -13.30
N HIS B 164 0.36 1.46 -12.19
CA HIS B 164 -0.09 2.80 -11.85
C HIS B 164 1.06 3.79 -11.62
N PHE B 165 2.20 3.29 -11.15
CA PHE B 165 3.40 4.15 -10.98
C PHE B 165 3.85 4.78 -12.30
N PHE B 166 3.96 3.96 -13.33
CA PHE B 166 4.45 4.40 -14.63
C PHE B 166 3.37 5.10 -15.45
N HIS B 167 2.12 4.70 -15.25
CA HIS B 167 1.02 5.29 -16.00
C HIS B 167 0.60 6.65 -15.47
N LYS B 168 0.84 6.90 -14.18
CA LYS B 168 0.38 8.14 -13.57
C LYS B 168 1.37 8.78 -12.58
N LEU B 169 1.75 8.05 -11.54
CA LEU B 169 2.46 8.65 -10.40
C LEU B 169 3.84 9.24 -10.73
N LEU B 170 4.59 8.59 -11.61
CA LEU B 170 5.91 9.12 -12.01
C LEU B 170 5.84 10.33 -12.97
N ARG B 171 4.64 10.63 -13.48
CA ARG B 171 4.47 11.76 -14.39
C ARG B 171 4.04 13.04 -13.67
N LEU B 172 3.62 12.90 -12.41
CA LEU B 172 3.02 14.00 -11.65
C LEU B 172 3.95 15.20 -11.39
N ILE B 173 5.24 14.92 -11.20
CA ILE B 173 6.24 15.97 -10.96
C ILE B 173 6.24 17.04 -12.06
N ASP B 174 5.89 16.63 -13.28
CA ASP B 174 5.89 17.53 -14.44
C ASP B 174 4.52 18.21 -14.67
N MSE B 175 3.61 18.03 -13.73
CA MSE B 175 2.27 18.60 -13.82
C MSE B 175 1.96 19.57 -12.67
O MSE B 175 0.85 20.10 -12.58
CB MSE B 175 1.22 17.48 -13.86
CG MSE B 175 0.99 16.89 -15.25
SE MSE B 175 0.19 15.11 -15.20
CE MSE B 175 -1.41 15.49 -14.12
N MSE B 176 2.95 19.79 -11.81
CA MSE B 176 2.81 20.74 -10.69
C MSE B 176 2.54 22.14 -11.22
O MSE B 176 2.99 22.49 -12.32
CB MSE B 176 4.08 20.74 -9.81
CG MSE B 176 4.35 19.43 -9.08
SE MSE B 176 2.88 18.91 -7.89
CE MSE B 176 3.36 17.04 -7.65
N ASN B 177 1.79 22.94 -10.46
CA ASN B 177 1.44 24.29 -10.90
C ASN B 177 2.39 25.37 -10.39
N THR B 178 2.85 25.24 -9.15
CA THR B 178 3.63 26.29 -8.50
C THR B 178 5.11 25.92 -8.35
N ASP B 179 5.97 26.92 -8.30
CA ASP B 179 7.41 26.72 -8.15
C ASP B 179 7.81 25.99 -6.86
N THR B 180 7.08 26.26 -5.77
CA THR B 180 7.34 25.65 -4.46
C THR B 180 6.97 24.17 -4.46
N ALA B 181 5.86 23.86 -5.12
CA ALA B 181 5.42 22.48 -5.27
C ALA B 181 6.43 21.66 -6.09
N ARG B 182 7.01 22.29 -7.12
CA ARG B 182 8.02 21.66 -7.97
C ARG B 182 9.28 21.30 -7.21
N GLU B 183 9.73 22.19 -6.32
CA GLU B 183 10.90 21.93 -5.48
C GLU B 183 10.62 20.85 -4.43
N LEU B 184 9.42 20.88 -3.87
CA LEU B 184 8.96 19.87 -2.90
C LEU B 184 8.81 18.48 -3.53
N ALA B 185 8.44 18.43 -4.81
CA ALA B 185 8.28 17.16 -5.52
C ALA B 185 9.58 16.39 -5.76
N GLU B 186 10.70 17.10 -5.95
CA GLU B 186 11.98 16.46 -6.32
C GLU B 186 12.37 15.32 -5.37
N GLU B 187 12.33 15.59 -4.06
CA GLU B 187 12.65 14.59 -3.04
C GLU B 187 11.67 13.41 -3.04
N ARG B 188 10.41 13.69 -3.30
CA ARG B 188 9.37 12.66 -3.27
C ARG B 188 9.47 11.75 -4.49
N HIS B 189 9.62 12.35 -5.66
CA HIS B 189 9.82 11.61 -6.91
C HIS B 189 11.10 10.75 -6.84
N GLU B 190 12.21 11.33 -6.40
CA GLU B 190 13.45 10.58 -6.21
C GLU B 190 13.25 9.34 -5.33
N PHE B 191 12.47 9.46 -4.26
CA PHE B 191 12.23 8.33 -3.35
C PHE B 191 11.43 7.17 -3.99
N MSE B 192 10.40 7.50 -4.77
CA MSE B 192 9.67 6.51 -5.56
C MSE B 192 10.58 5.64 -6.45
O MSE B 192 10.40 4.43 -6.53
CB MSE B 192 8.57 7.16 -6.41
CG MSE B 192 7.44 7.78 -5.60
SE MSE B 192 5.79 8.09 -6.62
CE MSE B 192 6.48 9.41 -7.89
N LEU B 193 11.56 6.27 -7.11
CA LEU B 193 12.51 5.56 -7.99
C LEU B 193 13.39 4.59 -7.20
N GLN B 194 13.80 5.02 -6.00
CA GLN B 194 14.57 4.18 -5.10
C GLN B 194 13.71 3.02 -4.59
N TYR B 195 12.43 3.28 -4.34
CA TYR B 195 11.48 2.25 -3.97
C TYR B 195 11.28 1.25 -5.10
N ILE B 196 11.00 1.74 -6.30
CA ILE B 196 10.85 0.85 -7.47
C ILE B 196 12.08 -0.04 -7.67
N ARG B 197 13.26 0.58 -7.58
CA ARG B 197 14.53 -0.13 -7.66
C ARG B 197 14.62 -1.28 -6.64
N GLN B 198 14.31 -0.98 -5.39
CA GLN B 198 14.31 -1.98 -4.31
C GLN B 198 13.29 -3.10 -4.56
N LEU B 199 12.12 -2.73 -5.09
CA LEU B 199 11.07 -3.68 -5.41
C LEU B 199 11.51 -4.65 -6.52
N GLU B 200 12.25 -4.13 -7.50
CA GLU B 200 12.72 -4.92 -8.63
C GLU B 200 13.75 -5.99 -8.24
N LYS B 201 14.45 -5.78 -7.12
CA LYS B 201 15.35 -6.83 -6.67
C LYS B 201 14.74 -7.72 -5.57
N ASP B 202 13.73 -7.20 -4.87
CA ASP B 202 12.87 -8.00 -3.98
C ASP B 202 12.04 -9.01 -4.79
N ILE B 203 11.64 -8.61 -6.00
CA ILE B 203 10.84 -9.44 -6.89
C ILE B 203 11.54 -9.52 -8.26
N PRO B 204 12.49 -10.46 -8.41
CA PRO B 204 13.15 -10.63 -9.72
C PRO B 204 12.17 -11.04 -10.80
N GLY B 205 12.17 -10.31 -11.91
CA GLY B 205 11.23 -10.56 -13.01
C GLY B 205 9.88 -9.88 -12.88
N ILE B 206 9.75 -8.93 -11.95
CA ILE B 206 8.52 -8.15 -11.77
C ILE B 206 8.12 -7.44 -13.07
N ASP B 207 9.11 -6.98 -13.81
CA ASP B 207 8.88 -6.36 -15.12
C ASP B 207 8.77 -7.45 -16.17
NI NI C . 2.81 -17.24 3.06
NI NI D . -8.17 14.52 -3.08
#